data_2B7B
#
_entry.id   2B7B
#
_cell.length_a   63.90
_cell.length_b   91.23
_cell.length_c   93.47
_cell.angle_alpha   90
_cell.angle_beta   90
_cell.angle_gamma   90
#
_symmetry.space_group_name_H-M   'P 21 21 21'
#
loop_
_entity.id
_entity.type
_entity.pdbx_description
1 polymer 'Elongation factor 1-alpha'
2 polymer 'elongation factor-1 beta'
3 non-polymer "GUANOSINE-5'-DIPHOSPHATE"
4 water water
#
loop_
_entity_poly.entity_id
_entity_poly.type
_entity_poly.pdbx_seq_one_letter_code
_entity_poly.pdbx_strand_id
1 'polypeptide(L)'
;MGKEKSHINVVVIGHVDSGKSTTTGHLIYKCGGIDKRTIEKFEKEAAELGKGSFKYAWVLDKLKAERERGITIDIALWKF
ETPKYQVTVIDAPGHRDFIKNMITGTSQADCAILIIAGGVGEFEAGISKDGQTREHALLAFTLGVRQLIVAVNKMDSVKW
DESRFQEIVKETSNFIKKVGYNPKTVPFVPISGWNGDNMIEATTNAPWYKGWEKETKAGVVKGKTLLEAIDAIEQPSRPT
DKPLRLPLQDVYKIGGIGTVPVGRVETGVIKPGMVVTFAPAGVTTEVKSVEMHHEQLEQGVPGDNVGFNVKNVSVKEIRR
GNVCGDAKNDPPKGCASFNATVIVLNHPGQISAGYSPVLDCHTAHIACRFDELLEKNDRRSGKKLEDHPKFLKSGDAALV
KFVPSKPMCVEAFSEYPPLGRFAVRDMRQTVAVGVIKSVDKTEKAAKVTKAAQKAAKK
;
A
2 'polypeptide(L)'
;KPAKPAAKSIVTLDVKPWDDETNLEEMVANVKAIEMEGLTWGAHQFIPIGFGIKKLQINCVVEDDKVSLDDLQQSIEEDE
DHVQSTDIAAMQAL
;
B
#
loop_
_chem_comp.id
_chem_comp.type
_chem_comp.name
_chem_comp.formula
GDP RNA linking GUANOSINE-5'-DIPHOSPHATE 'C10 H15 N5 O11 P2'
#
# COMPACT_ATOMS: atom_id res chain seq x y z
N GLY A 2 -8.99 -8.14 25.42
CA GLY A 2 -7.92 -7.17 25.77
C GLY A 2 -8.45 -5.76 25.88
N LYS A 3 -7.96 -4.86 25.02
CA LYS A 3 -8.41 -3.46 25.03
C LYS A 3 -8.69 -2.96 23.62
N GLU A 4 -9.35 -1.79 23.51
CA GLU A 4 -9.65 -1.21 22.21
C GLU A 4 -8.36 -0.62 21.64
N LYS A 5 -8.25 -0.57 20.32
CA LYS A 5 -7.03 -0.07 19.69
C LYS A 5 -7.31 0.75 18.44
N SER A 6 -6.39 1.66 18.12
CA SER A 6 -6.55 2.49 16.94
C SER A 6 -5.79 1.83 15.80
N HIS A 7 -6.25 2.07 14.57
CA HIS A 7 -5.60 1.49 13.39
C HIS A 7 -4.45 2.33 12.85
N ILE A 8 -3.43 1.64 12.34
CA ILE A 8 -2.28 2.28 11.71
C ILE A 8 -1.69 1.32 10.67
N ASN A 9 -1.08 1.88 9.62
CA ASN A 9 -0.50 1.08 8.55
C ASN A 9 1.01 1.14 8.55
N VAL A 10 1.64 0.01 8.29
CA VAL A 10 3.09 0.03 8.26
C VAL A 10 3.58 -0.76 7.08
N VAL A 11 4.63 -0.22 6.46
CA VAL A 11 5.25 -0.89 5.31
C VAL A 11 6.71 -1.15 5.63
N VAL A 12 7.12 -2.41 5.53
CA VAL A 12 8.50 -2.80 5.82
C VAL A 12 9.37 -2.90 4.55
N ILE A 13 10.40 -2.08 4.44
CA ILE A 13 11.25 -2.14 3.26
C ILE A 13 12.69 -2.50 3.60
N GLY A 14 13.41 -3.04 2.62
CA GLY A 14 14.79 -3.43 2.84
C GLY A 14 15.31 -4.26 1.70
N HIS A 15 16.61 -4.49 1.67
CA HIS A 15 17.20 -5.28 0.61
C HIS A 15 16.69 -6.71 0.65
N VAL A 16 16.88 -7.45 -0.43
CA VAL A 16 16.40 -8.82 -0.54
C VAL A 16 16.92 -9.81 0.51
N ASP A 17 18.00 -9.48 1.21
CA ASP A 17 18.53 -10.38 2.23
C ASP A 17 18.65 -9.75 3.61
N SER A 18 18.06 -8.57 3.77
CA SER A 18 18.09 -7.86 5.03
C SER A 18 17.34 -8.66 6.10
N GLY A 19 16.58 -9.66 5.66
CA GLY A 19 15.85 -10.48 6.60
C GLY A 19 14.55 -9.84 7.05
N LYS A 20 13.97 -9.00 6.21
CA LYS A 20 12.73 -8.31 6.56
C LYS A 20 11.51 -9.22 6.55
N SER A 21 11.53 -10.28 5.73
CA SER A 21 10.40 -11.20 5.68
C SER A 21 10.35 -12.00 6.97
N THR A 22 11.52 -12.28 7.54
CA THR A 22 11.61 -13.03 8.77
C THR A 22 11.21 -12.11 9.92
N THR A 23 11.69 -10.88 9.89
CA THR A 23 11.36 -9.93 10.95
C THR A 23 9.86 -9.70 10.98
N THR A 24 9.29 -9.43 9.81
CA THR A 24 7.87 -9.17 9.68
C THR A 24 7.06 -10.41 10.04
N GLY A 25 7.50 -11.55 9.53
CA GLY A 25 6.80 -12.79 9.81
C GLY A 25 6.73 -13.08 11.29
N HIS A 26 7.82 -12.76 11.97
CA HIS A 26 7.92 -13.00 13.40
C HIS A 26 6.90 -12.20 14.20
N LEU A 27 6.66 -10.95 13.79
CA LEU A 27 5.71 -10.11 14.48
C LEU A 27 4.28 -10.60 14.30
N ILE A 28 3.91 -10.84 13.05
CA ILE A 28 2.57 -11.31 12.73
C ILE A 28 2.32 -12.61 13.48
N TYR A 29 3.35 -13.44 13.54
CA TYR A 29 3.27 -14.72 14.23
C TYR A 29 2.94 -14.54 15.69
N LYS A 30 3.88 -13.92 16.40
CA LYS A 30 3.75 -13.71 17.83
C LYS A 30 2.86 -12.56 18.29
N CYS A 31 2.29 -11.79 17.37
CA CYS A 31 1.43 -10.68 17.78
C CYS A 31 0.15 -10.60 16.94
N GLY A 32 -0.15 -11.65 16.19
CA GLY A 32 -1.35 -11.62 15.38
C GLY A 32 -1.99 -13.00 15.20
N GLY A 33 -2.81 -13.12 14.18
CA GLY A 33 -3.48 -14.39 13.91
C GLY A 33 -3.76 -14.66 12.44
N ILE A 34 -2.70 -14.84 11.65
CA ILE A 34 -2.86 -15.13 10.22
C ILE A 34 -2.37 -16.55 9.91
N ASP A 35 -3.23 -17.33 9.24
CA ASP A 35 -2.91 -18.71 8.88
C ASP A 35 -2.50 -19.56 10.09
N LYS A 36 -3.08 -19.28 11.26
CA LYS A 36 -2.77 -20.00 12.49
C LYS A 36 -2.90 -21.52 12.32
N ARG A 37 -3.78 -21.96 11.44
CA ARG A 37 -3.98 -23.38 11.19
C ARG A 37 -2.71 -24.03 10.66
N THR A 38 -2.08 -23.39 9.69
CA THR A 38 -0.85 -23.92 9.11
C THR A 38 0.23 -23.90 10.19
N ILE A 39 0.18 -22.86 11.02
CA ILE A 39 1.13 -22.69 12.10
C ILE A 39 1.02 -23.80 13.13
N GLU A 40 -0.20 -24.09 13.55
CA GLU A 40 -0.44 -25.13 14.53
C GLU A 40 -0.09 -26.50 13.96
N LYS A 41 -0.07 -26.61 12.63
CA LYS A 41 0.28 -27.86 11.97
C LYS A 41 1.79 -28.08 12.06
N PHE A 42 2.58 -27.03 11.88
CA PHE A 42 4.04 -27.16 11.94
C PHE A 42 4.64 -27.08 13.33
N GLU A 43 3.88 -26.57 14.29
CA GLU A 43 4.39 -26.50 15.66
C GLU A 43 4.33 -27.89 16.27
N LYS A 44 3.32 -28.65 15.87
CA LYS A 44 3.14 -30.02 16.39
C LYS A 44 4.09 -30.96 15.66
N GLU A 45 4.37 -30.64 14.41
CA GLU A 45 5.25 -31.45 13.56
C GLU A 45 6.70 -31.25 13.97
N ALA A 46 6.99 -30.11 14.59
CA ALA A 46 8.35 -29.80 15.00
C ALA A 46 8.87 -30.75 16.09
N ALA A 47 7.97 -31.54 16.66
CA ALA A 47 8.35 -32.51 17.68
C ALA A 47 9.41 -33.47 17.14
N GLU A 48 9.47 -33.58 15.81
CA GLU A 48 10.44 -34.47 15.16
C GLU A 48 11.85 -33.97 15.31
N LEU A 49 12.05 -32.68 15.04
CA LEU A 49 13.36 -32.06 15.14
C LEU A 49 14.13 -32.47 16.40
N GLY A 50 13.42 -32.84 17.46
CA GLY A 50 14.09 -33.24 18.67
C GLY A 50 13.16 -33.82 19.69
N LYS A 51 12.94 -33.08 20.77
CA LYS A 51 12.06 -33.53 21.85
C LYS A 51 10.84 -32.63 21.94
N GLY A 52 10.76 -31.64 21.05
CA GLY A 52 9.61 -30.75 21.05
C GLY A 52 9.96 -29.29 20.85
N SER A 53 11.11 -28.88 21.36
CA SER A 53 11.54 -27.49 21.22
C SER A 53 11.61 -27.10 19.75
N PHE A 54 11.41 -25.81 19.48
CA PHE A 54 11.46 -25.30 18.11
C PHE A 54 11.60 -23.78 18.05
N LYS A 55 12.38 -23.31 17.08
CA LYS A 55 12.60 -21.88 16.86
C LYS A 55 11.42 -21.36 16.03
N TYR A 56 10.90 -20.19 16.38
CA TYR A 56 9.79 -19.59 15.65
C TYR A 56 10.10 -19.51 14.15
N ALA A 57 11.34 -19.16 13.84
CA ALA A 57 11.79 -19.04 12.48
C ALA A 57 11.62 -20.34 11.69
N TRP A 58 11.71 -21.48 12.38
CA TRP A 58 11.55 -22.76 11.72
C TRP A 58 10.11 -22.86 11.20
N VAL A 59 9.14 -22.61 12.07
CA VAL A 59 7.73 -22.66 11.71
C VAL A 59 7.44 -21.69 10.57
N LEU A 60 7.99 -20.50 10.68
CA LEU A 60 7.81 -19.46 9.68
C LEU A 60 8.33 -19.94 8.34
N ASP A 61 9.44 -20.65 8.39
CA ASP A 61 10.05 -21.17 7.20
C ASP A 61 9.10 -22.12 6.49
N LYS A 62 8.50 -23.04 7.25
CA LYS A 62 7.57 -24.02 6.69
C LYS A 62 6.28 -23.37 6.17
N LEU A 63 5.83 -22.33 6.86
CA LEU A 63 4.64 -21.59 6.46
C LEU A 63 4.85 -20.98 5.05
N LYS A 64 6.07 -20.51 4.78
CA LYS A 64 6.41 -19.91 3.49
C LYS A 64 6.30 -20.91 2.35
N ALA A 65 6.84 -22.10 2.60
CA ALA A 65 6.82 -23.18 1.62
C ALA A 65 5.36 -23.61 1.41
N GLU A 66 4.56 -23.55 2.48
CA GLU A 66 3.15 -23.93 2.40
C GLU A 66 2.39 -22.97 1.51
N ARG A 67 2.63 -21.67 1.68
CA ARG A 67 1.96 -20.68 0.87
C ARG A 67 2.33 -20.80 -0.59
N GLU A 68 3.58 -21.15 -0.84
CA GLU A 68 4.04 -21.30 -2.21
C GLU A 68 3.27 -22.41 -2.92
N ARG A 69 2.80 -23.38 -2.14
CA ARG A 69 2.03 -24.48 -2.70
C ARG A 69 0.64 -23.95 -3.02
N GLY A 70 0.24 -22.89 -2.31
CA GLY A 70 -1.06 -22.29 -2.52
C GLY A 70 -2.21 -22.96 -1.76
N ILE A 71 -1.90 -23.65 -0.67
CA ILE A 71 -2.95 -24.32 0.09
C ILE A 71 -3.33 -23.63 1.40
N THR A 72 -2.79 -22.43 1.61
CA THR A 72 -3.12 -21.67 2.81
C THR A 72 -4.48 -21.00 2.64
N ILE A 73 -5.14 -20.71 3.75
CA ILE A 73 -6.46 -20.10 3.73
C ILE A 73 -6.45 -18.57 3.61
N ASP A 74 -6.13 -17.90 4.72
CA ASP A 74 -6.11 -16.44 4.79
C ASP A 74 -5.46 -15.77 3.58
N ILE A 75 -5.89 -14.52 3.31
CA ILE A 75 -5.36 -13.75 2.20
C ILE A 75 -4.12 -12.91 2.54
N ALA A 76 -3.79 -11.97 1.68
CA ALA A 76 -2.60 -11.12 1.85
C ALA A 76 -2.73 -9.99 2.86
N LEU A 77 -3.94 -9.70 3.31
CA LEU A 77 -4.13 -8.63 4.27
C LEU A 77 -3.66 -9.10 5.67
N TRP A 78 -2.45 -8.69 6.05
CA TRP A 78 -1.86 -9.06 7.34
C TRP A 78 -1.95 -7.98 8.42
N LYS A 79 -2.34 -8.42 9.61
CA LYS A 79 -2.50 -7.55 10.76
C LYS A 79 -1.84 -8.16 11.98
N PHE A 80 -1.63 -7.33 13.01
CA PHE A 80 -1.06 -7.73 14.29
C PHE A 80 -1.23 -6.58 15.28
N GLU A 81 -1.41 -6.92 16.54
CA GLU A 81 -1.62 -5.92 17.58
C GLU A 81 -0.41 -5.57 18.42
N THR A 82 -0.51 -4.43 19.09
CA THR A 82 0.52 -3.96 19.99
C THR A 82 -0.28 -3.47 21.19
N PRO A 83 0.39 -3.15 22.31
CA PRO A 83 -0.28 -2.67 23.51
C PRO A 83 -1.12 -1.43 23.26
N LYS A 84 -1.32 -1.07 22.00
CA LYS A 84 -2.10 0.12 21.72
C LYS A 84 -2.61 0.19 20.28
N TYR A 85 -2.00 -0.58 19.39
CA TYR A 85 -2.33 -0.41 17.98
C TYR A 85 -2.71 -1.70 17.28
N GLN A 86 -3.67 -1.55 16.37
CA GLN A 86 -4.13 -2.65 15.53
C GLN A 86 -3.38 -2.31 14.25
N VAL A 87 -2.35 -3.09 13.93
CA VAL A 87 -1.54 -2.77 12.77
C VAL A 87 -1.72 -3.62 11.50
N THR A 88 -1.92 -2.95 10.39
CA THR A 88 -2.05 -3.60 9.09
C THR A 88 -0.69 -3.35 8.45
N VAL A 89 0.10 -4.41 8.38
CA VAL A 89 1.44 -4.31 7.85
C VAL A 89 1.64 -4.86 6.45
N ILE A 90 2.64 -4.33 5.78
CA ILE A 90 2.97 -4.75 4.42
C ILE A 90 4.47 -5.02 4.36
N ASP A 91 4.85 -6.25 4.05
CA ASP A 91 6.25 -6.62 3.89
C ASP A 91 6.50 -6.22 2.44
N ALA A 92 6.97 -4.99 2.22
CA ALA A 92 7.21 -4.49 0.86
C ALA A 92 7.66 -5.55 -0.15
N PRO A 93 6.86 -5.80 -1.18
CA PRO A 93 7.19 -6.79 -2.21
C PRO A 93 8.26 -6.26 -3.15
N GLY A 94 8.98 -7.17 -3.80
CA GLY A 94 10.02 -6.76 -4.73
C GLY A 94 9.46 -6.53 -6.13
N HIS A 95 8.34 -7.19 -6.40
CA HIS A 95 7.64 -7.10 -7.69
C HIS A 95 7.48 -5.64 -8.12
N ARG A 96 7.80 -5.35 -9.37
CA ARG A 96 7.71 -3.98 -9.88
C ARG A 96 6.31 -3.39 -9.95
N ASP A 97 5.29 -4.22 -10.10
CA ASP A 97 3.93 -3.69 -10.16
C ASP A 97 3.42 -3.22 -8.81
N PHE A 98 4.22 -3.40 -7.76
CA PHE A 98 3.82 -2.96 -6.42
C PHE A 98 4.00 -1.46 -6.24
N ILE A 99 4.86 -0.87 -7.05
CA ILE A 99 5.12 0.56 -7.00
C ILE A 99 3.81 1.33 -7.13
N LYS A 100 3.06 1.06 -8.19
CA LYS A 100 1.79 1.76 -8.41
C LYS A 100 0.84 1.53 -7.26
N ASN A 101 0.85 0.31 -6.75
CA ASN A 101 -0.03 -0.05 -5.65
C ASN A 101 0.34 0.66 -4.36
N MET A 102 1.60 1.05 -4.24
CA MET A 102 2.05 1.73 -3.03
C MET A 102 1.68 3.22 -3.08
N ILE A 103 1.22 3.65 -4.25
CA ILE A 103 0.82 5.04 -4.45
C ILE A 103 -0.70 5.19 -4.61
N THR A 104 -1.31 4.29 -5.37
CA THR A 104 -2.75 4.33 -5.63
C THR A 104 -3.53 3.27 -4.88
N GLY A 105 -2.84 2.49 -4.07
CA GLY A 105 -3.51 1.43 -3.34
C GLY A 105 -4.24 1.91 -2.05
N THR A 106 -4.90 0.93 -1.33
CA THR A 106 -5.60 1.26 -0.11
C THR A 106 -4.77 1.19 1.13
N SER A 107 -4.95 2.32 1.82
CA SER A 107 -4.34 2.63 3.08
C SER A 107 -2.84 3.00 2.98
N GLN A 108 -2.53 4.29 2.96
CA GLN A 108 -1.16 4.74 2.94
C GLN A 108 -0.55 4.61 4.31
N ALA A 109 0.65 4.03 4.38
CA ALA A 109 1.35 3.81 5.63
C ALA A 109 1.57 5.08 6.44
N ASP A 110 1.52 4.94 7.76
CA ASP A 110 1.75 6.06 8.68
C ASP A 110 3.22 6.06 9.09
N CYS A 111 3.87 4.90 8.91
CA CYS A 111 5.27 4.74 9.27
C CYS A 111 5.90 3.59 8.48
N ALA A 112 7.17 3.78 8.12
CA ALA A 112 7.87 2.75 7.38
C ALA A 112 9.04 2.30 8.20
N ILE A 113 9.24 0.99 8.24
CA ILE A 113 10.35 0.42 8.98
C ILE A 113 11.37 -0.06 7.99
N LEU A 114 12.58 0.47 8.11
CA LEU A 114 13.68 0.11 7.25
C LEU A 114 14.51 -0.97 7.90
N ILE A 115 14.50 -2.16 7.32
CA ILE A 115 15.30 -3.25 7.88
C ILE A 115 16.65 -3.31 7.21
N ILE A 116 17.71 -3.32 8.01
CA ILE A 116 19.05 -3.37 7.46
C ILE A 116 19.92 -4.47 8.04
N ALA A 117 20.62 -5.18 7.17
CA ALA A 117 21.50 -6.26 7.58
C ALA A 117 22.82 -5.72 8.11
N GLY A 118 23.21 -6.15 9.32
CA GLY A 118 24.45 -5.68 9.91
C GLY A 118 25.70 -6.24 9.26
N GLY A 119 25.51 -7.24 8.40
CA GLY A 119 26.64 -7.86 7.72
C GLY A 119 27.47 -6.85 6.97
N VAL A 120 28.78 -7.09 6.94
CA VAL A 120 29.71 -6.21 6.26
C VAL A 120 29.37 -5.94 4.80
N GLY A 121 29.55 -6.95 3.95
CA GLY A 121 29.25 -6.77 2.55
C GLY A 121 27.77 -6.55 2.30
N GLU A 122 26.94 -7.20 3.10
CA GLU A 122 25.50 -7.05 2.95
C GLU A 122 25.04 -5.59 3.06
N PHE A 123 25.42 -4.93 4.17
CA PHE A 123 25.03 -3.55 4.41
C PHE A 123 25.25 -2.60 3.24
N GLU A 124 26.47 -2.60 2.73
CA GLU A 124 26.84 -1.75 1.61
C GLU A 124 25.93 -2.01 0.42
N ALA A 125 25.73 -3.29 0.12
CA ALA A 125 24.90 -3.69 -1.00
C ALA A 125 23.44 -3.27 -0.84
N GLY A 126 22.99 -3.16 0.40
CA GLY A 126 21.62 -2.79 0.65
C GLY A 126 21.35 -1.30 0.49
N ILE A 127 22.33 -0.48 0.79
CA ILE A 127 22.17 0.97 0.68
C ILE A 127 22.64 1.54 -0.64
N SER A 128 22.65 0.73 -1.69
CA SER A 128 23.07 1.19 -3.02
C SER A 128 22.13 2.32 -3.50
N LYS A 129 22.63 3.26 -4.29
CA LYS A 129 21.79 4.35 -4.77
C LYS A 129 20.81 3.89 -5.83
N ASP A 130 21.08 2.72 -6.41
CA ASP A 130 20.20 2.20 -7.45
C ASP A 130 19.46 0.96 -7.00
N GLY A 131 19.42 0.76 -5.69
CA GLY A 131 18.72 -0.39 -5.16
C GLY A 131 17.24 -0.11 -4.96
N GLN A 132 16.46 -1.18 -4.87
CA GLN A 132 15.04 -1.06 -4.68
C GLN A 132 14.72 -0.47 -3.30
N THR A 133 15.55 -0.75 -2.30
CA THR A 133 15.34 -0.24 -0.93
C THR A 133 15.23 1.28 -0.90
N ARG A 134 16.21 1.95 -1.52
CA ARG A 134 16.19 3.39 -1.56
C ARG A 134 14.95 3.93 -2.28
N GLU A 135 14.52 3.22 -3.33
CA GLU A 135 13.34 3.64 -4.09
C GLU A 135 12.06 3.62 -3.24
N HIS A 136 11.93 2.60 -2.40
CA HIS A 136 10.79 2.46 -1.52
C HIS A 136 10.83 3.56 -0.46
N ALA A 137 12.03 3.85 0.02
CA ALA A 137 12.22 4.90 1.01
C ALA A 137 11.84 6.23 0.37
N LEU A 138 12.37 6.50 -0.82
CA LEU A 138 12.09 7.74 -1.53
C LEU A 138 10.59 7.89 -1.77
N LEU A 139 9.94 6.84 -2.26
CA LEU A 139 8.50 6.92 -2.49
C LEU A 139 7.77 7.19 -1.16
N ALA A 140 8.14 6.47 -0.12
CA ALA A 140 7.47 6.68 1.17
C ALA A 140 7.58 8.14 1.58
N PHE A 141 8.76 8.71 1.40
CA PHE A 141 8.99 10.10 1.78
C PHE A 141 8.15 11.05 0.96
N THR A 142 8.24 10.91 -0.37
CA THR A 142 7.48 11.78 -1.27
C THR A 142 5.97 11.70 -0.97
N LEU A 143 5.46 10.52 -0.66
CA LEU A 143 4.04 10.36 -0.38
C LEU A 143 3.63 10.83 1.00
N GLY A 144 4.57 11.36 1.77
CA GLY A 144 4.24 11.87 3.08
C GLY A 144 4.45 10.99 4.29
N VAL A 145 5.05 9.81 4.13
CA VAL A 145 5.26 8.96 5.30
C VAL A 145 6.41 9.61 6.07
N ARG A 146 6.05 10.37 7.11
CA ARG A 146 7.06 11.08 7.88
C ARG A 146 7.72 10.31 9.01
N GLN A 147 7.06 9.28 9.52
CA GLN A 147 7.65 8.48 10.59
C GLN A 147 8.38 7.26 10.02
N LEU A 148 9.49 6.93 10.66
CA LEU A 148 10.32 5.82 10.23
C LEU A 148 11.01 5.14 11.41
N ILE A 149 11.30 3.86 11.24
CA ILE A 149 11.99 3.07 12.25
C ILE A 149 13.11 2.34 11.53
N VAL A 150 14.31 2.32 12.10
CA VAL A 150 15.38 1.58 11.44
C VAL A 150 15.74 0.39 12.33
N ALA A 151 15.85 -0.79 11.74
CA ALA A 151 16.20 -2.00 12.50
C ALA A 151 17.43 -2.68 11.87
N VAL A 152 18.53 -2.64 12.59
CA VAL A 152 19.78 -3.26 12.15
C VAL A 152 19.69 -4.71 12.56
N ASN A 153 19.30 -5.52 11.58
CA ASN A 153 19.12 -6.94 11.82
C ASN A 153 20.42 -7.72 11.68
N LYS A 154 20.34 -9.00 12.02
CA LYS A 154 21.48 -9.90 11.96
C LYS A 154 22.61 -9.46 12.86
N MET A 155 22.28 -8.81 13.98
CA MET A 155 23.31 -8.36 14.91
C MET A 155 24.07 -9.53 15.48
N ASP A 156 23.50 -10.71 15.32
CA ASP A 156 24.14 -11.91 15.82
C ASP A 156 25.35 -12.21 14.94
N SER A 157 25.21 -12.07 13.62
CA SER A 157 26.31 -12.38 12.72
C SER A 157 27.54 -11.51 12.94
N VAL A 158 27.38 -10.42 13.66
CA VAL A 158 28.48 -9.54 13.95
C VAL A 158 28.83 -9.61 15.44
N LYS A 159 28.42 -10.70 16.08
CA LYS A 159 28.71 -10.89 17.48
C LYS A 159 28.24 -9.76 18.39
N TRP A 160 27.25 -9.00 17.92
CA TRP A 160 26.70 -7.90 18.70
C TRP A 160 27.74 -6.85 19.10
N ASP A 161 28.73 -6.64 18.25
CA ASP A 161 29.77 -5.65 18.51
C ASP A 161 29.18 -4.24 18.44
N GLU A 162 29.34 -3.49 19.52
CA GLU A 162 28.82 -2.14 19.62
C GLU A 162 29.39 -1.23 18.53
N SER A 163 30.71 -1.27 18.35
CA SER A 163 31.33 -0.42 17.35
C SER A 163 30.73 -0.59 15.96
N ARG A 164 30.47 -1.82 15.58
CA ARG A 164 29.88 -2.10 14.28
C ARG A 164 28.46 -1.55 14.24
N PHE A 165 27.77 -1.61 15.37
CA PHE A 165 26.41 -1.09 15.42
C PHE A 165 26.40 0.40 15.21
N GLN A 166 27.36 1.09 15.82
CA GLN A 166 27.47 2.53 15.71
C GLN A 166 27.78 2.99 14.30
N GLU A 167 28.71 2.30 13.65
CA GLU A 167 29.05 2.69 12.29
C GLU A 167 27.82 2.50 11.41
N ILE A 168 27.10 1.41 11.62
CA ILE A 168 25.91 1.14 10.84
C ILE A 168 24.92 2.31 10.96
N VAL A 169 24.71 2.77 12.19
CA VAL A 169 23.79 3.87 12.49
C VAL A 169 24.12 5.19 11.80
N LYS A 170 25.40 5.49 11.76
CA LYS A 170 25.89 6.72 11.16
C LYS A 170 25.75 6.65 9.65
N GLU A 171 26.11 5.52 9.04
CA GLU A 171 25.98 5.41 7.60
C GLU A 171 24.49 5.41 7.22
N THR A 172 23.69 4.66 7.97
CA THR A 172 22.26 4.59 7.73
C THR A 172 21.64 5.99 7.92
N SER A 173 22.14 6.75 8.89
CA SER A 173 21.59 8.09 9.11
C SER A 173 21.90 9.00 7.93
N ASN A 174 23.05 8.80 7.30
CA ASN A 174 23.42 9.60 6.16
C ASN A 174 22.49 9.25 5.00
N PHE A 175 22.35 7.94 4.80
CA PHE A 175 21.51 7.39 3.76
C PHE A 175 20.08 7.92 3.80
N ILE A 176 19.46 7.87 4.97
CA ILE A 176 18.09 8.33 5.07
C ILE A 176 18.02 9.86 5.02
N LYS A 177 19.08 10.52 5.46
CA LYS A 177 19.10 11.97 5.44
C LYS A 177 19.03 12.45 4.01
N LYS A 178 19.72 11.73 3.14
CA LYS A 178 19.75 12.07 1.73
C LYS A 178 18.37 11.88 1.13
N VAL A 179 17.57 10.98 1.70
CA VAL A 179 16.23 10.77 1.19
C VAL A 179 15.36 11.95 1.65
N GLY A 180 15.63 12.44 2.85
CA GLY A 180 14.89 13.55 3.40
C GLY A 180 14.45 13.34 4.85
N TYR A 181 14.80 12.20 5.42
CA TYR A 181 14.45 11.91 6.80
C TYR A 181 15.44 12.52 7.77
N ASN A 182 14.95 12.89 8.94
CA ASN A 182 15.83 13.46 9.95
C ASN A 182 16.15 12.33 10.93
N PRO A 183 17.44 11.93 11.00
CA PRO A 183 17.89 10.86 11.90
C PRO A 183 17.51 11.00 13.38
N LYS A 184 17.50 12.24 13.88
CA LYS A 184 17.16 12.49 15.26
C LYS A 184 15.73 12.08 15.63
N THR A 185 14.92 11.80 14.62
CA THR A 185 13.53 11.39 14.84
C THR A 185 13.39 9.91 14.55
N VAL A 186 14.52 9.25 14.24
CA VAL A 186 14.47 7.83 13.90
C VAL A 186 15.06 6.86 14.94
N PRO A 187 14.25 5.93 15.44
CA PRO A 187 14.79 4.99 16.41
C PRO A 187 15.61 3.93 15.72
N PHE A 188 16.86 3.76 16.16
CA PHE A 188 17.70 2.73 15.57
C PHE A 188 17.70 1.52 16.51
N VAL A 189 16.98 0.48 16.12
CA VAL A 189 16.88 -0.70 16.97
C VAL A 189 17.74 -1.88 16.52
N PRO A 190 18.56 -2.38 17.44
CA PRO A 190 19.37 -3.52 17.00
C PRO A 190 18.61 -4.80 17.34
N ILE A 191 18.35 -5.64 16.33
CA ILE A 191 17.64 -6.89 16.60
C ILE A 191 18.20 -8.12 15.89
N SER A 192 17.43 -9.19 15.95
CA SER A 192 17.78 -10.45 15.31
C SER A 192 16.45 -11.18 15.03
N GLY A 193 15.94 -10.93 13.82
CA GLY A 193 14.69 -11.52 13.39
C GLY A 193 14.65 -13.01 13.62
N TRP A 194 15.80 -13.65 13.51
CA TRP A 194 15.89 -15.08 13.72
C TRP A 194 15.87 -15.51 15.19
N ASN A 195 16.73 -14.92 16.02
CA ASN A 195 16.80 -15.29 17.45
C ASN A 195 15.79 -14.58 18.33
N GLY A 196 15.19 -13.52 17.78
CA GLY A 196 14.19 -12.76 18.51
C GLY A 196 14.67 -11.66 19.45
N ASP A 197 15.96 -11.34 19.42
CA ASP A 197 16.53 -10.30 20.28
C ASP A 197 15.96 -8.92 19.97
N ASN A 198 15.48 -8.23 20.99
CA ASN A 198 14.89 -6.90 20.85
C ASN A 198 13.71 -6.87 19.88
N MET A 199 13.04 -8.01 19.73
CA MET A 199 11.87 -8.05 18.86
C MET A 199 10.64 -7.76 19.72
N ILE A 200 10.42 -8.58 20.74
CA ILE A 200 9.30 -8.39 21.66
C ILE A 200 9.83 -8.27 23.09
N GLU A 201 11.06 -8.73 23.30
CA GLU A 201 11.70 -8.70 24.61
C GLU A 201 13.14 -8.21 24.48
N ALA A 202 13.64 -7.54 25.51
CA ALA A 202 14.99 -7.02 25.48
C ALA A 202 16.03 -8.14 25.33
N THR A 203 17.10 -7.86 24.61
CA THR A 203 18.15 -8.84 24.43
C THR A 203 19.07 -8.88 25.63
N THR A 204 19.89 -9.91 25.70
CA THR A 204 20.87 -10.10 26.76
C THR A 204 22.26 -10.38 26.16
N ASN A 205 22.40 -10.15 24.86
CA ASN A 205 23.67 -10.38 24.17
C ASN A 205 24.48 -9.11 23.93
N ALA A 206 24.02 -8.00 24.48
CA ALA A 206 24.72 -6.73 24.28
C ALA A 206 24.59 -5.83 25.48
N PRO A 207 25.39 -6.08 26.54
CA PRO A 207 25.34 -5.27 27.75
C PRO A 207 25.42 -3.78 27.45
N TRP A 208 26.18 -3.43 26.42
CA TRP A 208 26.36 -2.03 26.05
C TRP A 208 25.08 -1.35 25.60
N TYR A 209 24.16 -2.12 25.05
CA TYR A 209 22.90 -1.58 24.55
C TYR A 209 22.03 -0.96 25.62
N LYS A 210 21.80 0.35 25.50
CA LYS A 210 20.99 1.05 26.47
C LYS A 210 19.60 1.38 25.94
N GLY A 211 19.31 0.90 24.73
CA GLY A 211 18.01 1.15 24.15
C GLY A 211 18.04 2.21 23.09
N TRP A 212 16.95 2.29 22.32
CA TRP A 212 16.86 3.28 21.27
C TRP A 212 16.16 4.50 21.85
N GLU A 213 16.17 5.59 21.10
CA GLU A 213 15.52 6.83 21.50
C GLU A 213 15.27 7.72 20.30
N LYS A 214 14.32 8.63 20.44
CA LYS A 214 13.98 9.53 19.36
C LYS A 214 13.33 10.83 19.86
N GLU A 215 13.66 11.92 19.20
CA GLU A 215 13.09 13.22 19.56
C GLU A 215 11.74 13.37 18.90
N THR A 216 10.78 13.94 19.63
CA THR A 216 9.44 14.17 19.11
C THR A 216 9.06 15.60 19.47
N LYS A 217 7.93 16.06 18.97
CA LYS A 217 7.48 17.41 19.25
C LYS A 217 7.28 17.65 20.76
N ALA A 218 6.95 16.60 21.52
CA ALA A 218 6.76 16.77 22.96
C ALA A 218 7.94 16.33 23.84
N GLY A 219 9.00 15.83 23.22
CA GLY A 219 10.15 15.37 23.97
C GLY A 219 10.78 14.12 23.38
N VAL A 220 11.61 13.45 24.16
CA VAL A 220 12.31 12.25 23.70
C VAL A 220 11.71 10.94 24.19
N VAL A 221 11.43 10.04 23.25
CA VAL A 221 10.86 8.75 23.57
C VAL A 221 11.92 7.68 23.41
N LYS A 222 12.02 6.78 24.40
CA LYS A 222 13.00 5.70 24.39
C LYS A 222 12.33 4.32 24.47
N GLY A 223 13.10 3.26 24.21
CA GLY A 223 12.58 1.91 24.27
C GLY A 223 13.69 0.87 24.14
N LYS A 224 13.37 -0.42 24.08
CA LYS A 224 14.38 -1.46 23.92
C LYS A 224 14.04 -2.35 22.74
N THR A 225 12.76 -2.69 22.59
CA THR A 225 12.35 -3.58 21.52
C THR A 225 11.73 -2.92 20.31
N LEU A 226 11.70 -3.69 19.23
CA LEU A 226 11.11 -3.23 17.99
C LEU A 226 9.60 -3.05 18.20
N LEU A 227 9.00 -3.94 18.98
CA LEU A 227 7.58 -3.82 19.26
C LEU A 227 7.35 -2.46 19.94
N GLU A 228 8.16 -2.13 20.94
CA GLU A 228 7.98 -0.84 21.60
C GLU A 228 8.06 0.33 20.62
N ALA A 229 8.95 0.23 19.64
CA ALA A 229 9.10 1.29 18.65
C ALA A 229 7.81 1.44 17.85
N ILE A 230 7.21 0.32 17.47
CA ILE A 230 5.96 0.37 16.72
C ILE A 230 4.90 1.02 17.61
N ASP A 231 4.81 0.58 18.85
CA ASP A 231 3.80 1.13 19.77
C ASP A 231 4.02 2.62 20.01
N ALA A 232 5.23 3.09 19.78
CA ALA A 232 5.57 4.50 19.96
C ALA A 232 5.19 5.33 18.72
N ILE A 233 4.75 4.68 17.65
CA ILE A 233 4.36 5.40 16.44
C ILE A 233 3.32 6.42 16.88
N GLU A 234 3.42 7.65 16.38
CA GLU A 234 2.48 8.69 16.77
C GLU A 234 1.14 8.59 16.04
N GLN A 235 0.05 8.77 16.80
CA GLN A 235 -1.30 8.69 16.25
C GLN A 235 -1.49 9.67 15.09
N PRO A 236 -1.90 9.17 13.93
CA PRO A 236 -2.13 10.01 12.75
C PRO A 236 -3.50 10.71 12.79
N SER A 237 -3.65 11.78 12.03
CA SER A 237 -4.92 12.51 11.99
C SER A 237 -5.90 11.92 10.98
N ARG A 238 -7.06 11.46 11.47
CA ARG A 238 -8.09 10.87 10.61
C ARG A 238 -9.01 11.95 10.08
N PRO A 239 -9.21 11.98 8.75
CA PRO A 239 -10.06 12.96 8.04
C PRO A 239 -11.55 12.65 8.12
N THR A 240 -12.01 12.35 9.33
CA THR A 240 -13.41 12.05 9.55
C THR A 240 -14.28 13.28 9.35
N ASP A 241 -13.79 14.43 9.85
CA ASP A 241 -14.52 15.68 9.76
C ASP A 241 -14.39 16.39 8.42
N LYS A 242 -13.51 15.86 7.57
CA LYS A 242 -13.28 16.43 6.25
C LYS A 242 -14.43 16.09 5.31
N PRO A 243 -14.59 16.87 4.23
CA PRO A 243 -15.65 16.65 3.24
C PRO A 243 -15.61 15.22 2.68
N LEU A 244 -16.75 14.75 2.20
CA LEU A 244 -16.83 13.40 1.63
C LEU A 244 -16.14 13.26 0.29
N ARG A 245 -15.42 12.16 0.15
CA ARG A 245 -14.73 11.82 -1.08
C ARG A 245 -14.77 10.30 -1.13
N LEU A 246 -15.44 9.77 -2.15
CA LEU A 246 -15.57 8.33 -2.33
C LEU A 246 -15.38 7.97 -3.81
N PRO A 247 -14.12 7.70 -4.21
CA PRO A 247 -13.80 7.32 -5.59
C PRO A 247 -14.53 6.02 -5.91
N LEU A 248 -15.21 5.96 -7.06
CA LEU A 248 -15.95 4.76 -7.44
C LEU A 248 -15.07 3.67 -8.03
N GLN A 249 -15.31 2.44 -7.58
CA GLN A 249 -14.59 1.26 -8.05
C GLN A 249 -15.45 0.47 -9.04
N ASP A 250 -16.75 0.39 -8.77
CA ASP A 250 -17.66 -0.35 -9.63
C ASP A 250 -19.04 0.24 -9.54
N VAL A 251 -19.90 -0.14 -10.50
CA VAL A 251 -21.27 0.34 -10.54
C VAL A 251 -22.20 -0.79 -10.91
N TYR A 252 -23.24 -1.01 -10.12
CA TYR A 252 -24.16 -2.09 -10.43
C TYR A 252 -25.59 -1.62 -10.65
N LYS A 253 -26.40 -2.54 -11.18
CA LYS A 253 -27.81 -2.29 -11.44
C LYS A 253 -28.56 -3.51 -10.95
N ILE A 254 -29.15 -3.42 -9.77
CA ILE A 254 -29.88 -4.52 -9.18
C ILE A 254 -31.39 -4.34 -9.31
N GLY A 255 -32.06 -5.34 -9.88
CA GLY A 255 -33.49 -5.26 -10.02
C GLY A 255 -34.15 -5.03 -8.68
N GLY A 256 -35.18 -4.18 -8.67
CA GLY A 256 -35.89 -3.88 -7.44
C GLY A 256 -35.12 -2.98 -6.49
N ILE A 257 -33.89 -2.67 -6.89
CA ILE A 257 -33.01 -1.83 -6.10
C ILE A 257 -32.61 -0.60 -6.89
N GLY A 258 -32.00 -0.83 -8.04
CA GLY A 258 -31.58 0.29 -8.87
C GLY A 258 -30.08 0.30 -9.08
N THR A 259 -29.53 1.51 -9.13
CA THR A 259 -28.12 1.71 -9.34
C THR A 259 -27.36 1.68 -8.03
N VAL A 260 -26.32 0.84 -7.96
CA VAL A 260 -25.55 0.74 -6.73
C VAL A 260 -24.05 0.77 -6.95
N PRO A 261 -23.45 1.96 -6.84
CA PRO A 261 -22.00 2.09 -7.02
C PRO A 261 -21.26 1.62 -5.76
N VAL A 262 -20.01 1.20 -5.95
CA VAL A 262 -19.18 0.72 -4.86
C VAL A 262 -17.84 1.45 -4.87
N GLY A 263 -17.24 1.59 -3.68
CA GLY A 263 -15.97 2.27 -3.59
C GLY A 263 -15.54 2.47 -2.15
N ARG A 264 -14.38 3.10 -1.98
CA ARG A 264 -13.85 3.33 -0.65
C ARG A 264 -13.98 4.80 -0.22
N VAL A 265 -14.43 5.01 1.02
CA VAL A 265 -14.59 6.36 1.56
C VAL A 265 -13.21 6.86 2.03
N GLU A 266 -12.49 7.55 1.16
CA GLU A 266 -11.17 8.07 1.50
C GLU A 266 -11.23 9.08 2.64
N THR A 267 -12.17 10.01 2.55
CA THR A 267 -12.34 11.02 3.56
C THR A 267 -13.81 11.37 3.71
N GLY A 268 -14.18 11.87 4.88
CA GLY A 268 -15.57 12.23 5.12
C GLY A 268 -16.39 11.03 5.56
N VAL A 269 -17.70 11.21 5.57
CA VAL A 269 -18.62 10.14 5.97
C VAL A 269 -19.82 10.06 5.02
N ILE A 270 -20.23 8.82 4.74
CA ILE A 270 -21.37 8.58 3.87
C ILE A 270 -22.51 7.99 4.70
N LYS A 271 -23.66 8.66 4.62
CA LYS A 271 -24.83 8.23 5.37
C LYS A 271 -26.06 8.26 4.48
N PRO A 272 -27.11 7.54 4.89
CA PRO A 272 -28.31 7.59 4.06
C PRO A 272 -29.01 8.91 4.37
N GLY A 273 -29.63 9.53 3.37
CA GLY A 273 -30.30 10.79 3.60
C GLY A 273 -29.55 11.98 3.04
N MET A 274 -28.26 11.76 2.80
CA MET A 274 -27.40 12.79 2.24
C MET A 274 -27.68 13.00 0.75
N VAL A 275 -27.29 14.16 0.23
CA VAL A 275 -27.47 14.44 -1.17
C VAL A 275 -26.06 14.57 -1.75
N VAL A 276 -25.63 13.55 -2.48
CA VAL A 276 -24.29 13.54 -3.04
C VAL A 276 -24.23 13.99 -4.49
N THR A 277 -23.00 14.05 -5.01
CA THR A 277 -22.77 14.45 -6.39
C THR A 277 -21.68 13.54 -6.96
N PHE A 278 -21.83 13.14 -8.21
CA PHE A 278 -20.83 12.28 -8.83
C PHE A 278 -20.04 13.08 -9.84
N ALA A 279 -18.76 13.33 -9.54
CA ALA A 279 -17.88 14.08 -10.43
C ALA A 279 -17.15 13.12 -11.38
N PRO A 280 -16.74 13.59 -12.57
CA PRO A 280 -16.92 14.95 -13.09
C PRO A 280 -18.24 15.14 -13.83
N ALA A 281 -19.13 14.16 -13.70
CA ALA A 281 -20.43 14.19 -14.37
C ALA A 281 -21.38 15.26 -13.83
N GLY A 282 -21.45 15.40 -12.50
CA GLY A 282 -22.34 16.40 -11.92
C GLY A 282 -23.70 15.85 -11.56
N VAL A 283 -23.77 14.53 -11.43
CA VAL A 283 -25.01 13.85 -11.08
C VAL A 283 -25.27 14.01 -9.59
N THR A 284 -26.48 14.46 -9.24
CA THR A 284 -26.86 14.63 -7.85
C THR A 284 -28.07 13.78 -7.51
N THR A 285 -27.99 13.08 -6.39
CA THR A 285 -29.07 12.22 -5.94
C THR A 285 -28.98 11.97 -4.44
N GLU A 286 -29.99 11.33 -3.90
CA GLU A 286 -30.01 11.03 -2.48
C GLU A 286 -29.45 9.63 -2.20
N VAL A 287 -28.85 9.47 -1.03
CA VAL A 287 -28.29 8.19 -0.64
C VAL A 287 -29.37 7.41 0.10
N LYS A 288 -30.01 6.49 -0.62
CA LYS A 288 -31.08 5.66 -0.08
C LYS A 288 -30.61 4.86 1.13
N SER A 289 -29.44 4.24 0.99
CA SER A 289 -28.88 3.45 2.07
C SER A 289 -27.42 3.10 1.76
N VAL A 290 -26.78 2.43 2.72
CA VAL A 290 -25.38 2.05 2.60
C VAL A 290 -25.12 0.66 3.18
N GLU A 291 -24.42 -0.19 2.43
CA GLU A 291 -24.11 -1.53 2.91
C GLU A 291 -22.62 -1.80 2.80
N MET A 292 -22.11 -2.67 3.62
CA MET A 292 -20.71 -3.06 3.61
C MET A 292 -20.59 -4.45 4.15
N HIS A 293 -20.09 -5.31 3.33
CA HIS A 293 -20.00 -6.66 3.77
C HIS A 293 -21.38 -7.25 4.04
N HIS A 294 -21.61 -7.70 5.23
CA HIS A 294 -23.00 -8.11 5.50
C HIS A 294 -24.12 -7.12 5.82
N GLU A 295 -23.80 -6.14 6.61
CA GLU A 295 -24.91 -5.40 7.04
C GLU A 295 -25.11 -4.06 6.47
N GLN A 296 -26.02 -3.53 7.18
CA GLN A 296 -26.28 -2.24 6.96
C GLN A 296 -25.50 -1.53 7.93
N LEU A 297 -25.26 -0.37 7.43
CA LEU A 297 -24.50 0.55 8.15
C LEU A 297 -25.32 1.77 8.23
N GLU A 298 -25.24 2.45 9.37
CA GLU A 298 -25.97 3.69 9.51
C GLU A 298 -25.11 4.79 8.84
N GLN A 299 -23.82 4.47 8.67
CA GLN A 299 -22.87 5.39 8.04
C GLN A 299 -21.54 4.68 7.74
N GLY A 300 -20.82 5.18 6.74
CA GLY A 300 -19.53 4.60 6.37
C GLY A 300 -18.42 5.59 6.63
N VAL A 301 -17.45 5.21 7.46
CA VAL A 301 -16.35 6.10 7.78
C VAL A 301 -15.16 5.91 6.84
N PRO A 302 -14.12 6.76 6.96
CA PRO A 302 -12.94 6.65 6.10
C PRO A 302 -12.32 5.27 6.19
N GLY A 303 -12.10 4.63 5.04
CA GLY A 303 -11.51 3.32 5.02
C GLY A 303 -12.49 2.21 4.68
N ASP A 304 -13.77 2.53 4.67
CA ASP A 304 -14.78 1.53 4.36
C ASP A 304 -15.04 1.37 2.88
N ASN A 305 -15.20 0.13 2.47
CA ASN A 305 -15.51 -0.15 1.08
C ASN A 305 -16.96 -0.52 1.07
N VAL A 306 -17.79 0.50 0.91
CA VAL A 306 -19.20 0.27 0.95
C VAL A 306 -19.90 0.45 -0.36
N GLY A 307 -21.13 -0.08 -0.40
CA GLY A 307 -21.96 0.03 -1.56
C GLY A 307 -23.17 0.84 -1.15
N PHE A 308 -23.62 1.73 -2.01
CA PHE A 308 -24.79 2.54 -1.69
C PHE A 308 -25.72 2.60 -2.89
N ASN A 309 -27.01 2.76 -2.60
CA ASN A 309 -28.03 2.80 -3.64
C ASN A 309 -28.57 4.23 -3.84
N VAL A 310 -28.89 4.56 -5.09
CA VAL A 310 -29.43 5.88 -5.45
C VAL A 310 -30.41 5.72 -6.60
N LYS A 311 -31.39 6.61 -6.68
CA LYS A 311 -32.37 6.53 -7.76
C LYS A 311 -32.23 7.69 -8.75
N ASN A 312 -32.91 7.57 -9.88
CA ASN A 312 -32.89 8.60 -10.92
C ASN A 312 -31.50 8.83 -11.50
N VAL A 313 -30.69 7.77 -11.55
CA VAL A 313 -29.34 7.87 -12.06
C VAL A 313 -28.95 6.60 -12.80
N SER A 314 -28.92 6.65 -14.13
CA SER A 314 -28.57 5.49 -14.94
C SER A 314 -27.11 5.07 -14.73
N VAL A 315 -26.88 3.76 -14.81
CA VAL A 315 -25.55 3.20 -14.63
C VAL A 315 -24.65 3.59 -15.80
N LYS A 316 -25.22 4.26 -16.79
CA LYS A 316 -24.47 4.69 -17.97
C LYS A 316 -24.10 6.16 -17.86
N GLU A 317 -24.40 6.78 -16.72
CA GLU A 317 -24.08 8.18 -16.49
C GLU A 317 -22.84 8.29 -15.62
N ILE A 318 -22.70 7.37 -14.66
CA ILE A 318 -21.55 7.36 -13.76
C ILE A 318 -20.76 6.07 -13.95
N ARG A 319 -19.43 6.15 -13.78
CA ARG A 319 -18.56 4.99 -13.96
C ARG A 319 -17.31 4.98 -13.08
N ARG A 320 -16.57 3.89 -13.17
CA ARG A 320 -15.34 3.71 -12.40
C ARG A 320 -14.49 4.96 -12.57
N GLY A 321 -13.76 5.32 -11.52
CA GLY A 321 -12.91 6.50 -11.59
C GLY A 321 -13.63 7.78 -11.20
N ASN A 322 -14.96 7.73 -11.15
CA ASN A 322 -15.73 8.91 -10.78
C ASN A 322 -15.67 9.13 -9.28
N VAL A 323 -15.73 10.38 -8.86
CA VAL A 323 -15.67 10.71 -7.44
C VAL A 323 -17.05 11.08 -6.92
N CYS A 324 -17.40 10.56 -5.74
CA CYS A 324 -18.67 10.85 -5.09
C CYS A 324 -18.37 11.73 -3.88
N GLY A 325 -19.27 12.67 -3.59
CA GLY A 325 -19.05 13.55 -2.46
C GLY A 325 -20.35 14.23 -2.11
N ASP A 326 -20.30 15.05 -1.04
CA ASP A 326 -21.46 15.78 -0.55
C ASP A 326 -21.77 16.96 -1.48
N ALA A 327 -22.98 17.01 -1.99
CA ALA A 327 -23.39 18.09 -2.89
C ALA A 327 -23.41 19.43 -2.15
N LYS A 328 -23.51 19.38 -0.82
CA LYS A 328 -23.59 20.58 0.00
C LYS A 328 -22.50 20.68 1.02
N ASN A 329 -21.30 20.42 0.50
CA ASN A 329 -20.07 20.49 1.26
C ASN A 329 -18.86 20.19 0.38
N ASP A 330 -18.32 21.30 -0.13
CA ASP A 330 -17.18 21.35 -1.05
C ASP A 330 -17.37 20.30 -2.08
N PRO A 331 -18.25 20.26 -2.93
CA PRO A 331 -18.57 19.03 -3.66
C PRO A 331 -17.55 18.76 -4.77
N PRO A 332 -17.50 17.51 -5.20
CA PRO A 332 -16.52 17.10 -6.22
C PRO A 332 -16.81 17.72 -7.58
N LYS A 333 -15.48 18.10 -8.21
CA LYS A 333 -15.71 18.58 -9.56
C LYS A 333 -14.55 18.25 -10.51
N GLY A 334 -14.87 18.30 -11.80
CA GLY A 334 -13.87 18.02 -12.81
C GLY A 334 -12.92 19.20 -12.92
N CYS A 335 -11.84 19.02 -13.69
CA CYS A 335 -10.84 20.10 -13.82
C CYS A 335 -10.37 20.27 -15.26
N ALA A 336 -9.99 21.50 -15.58
CA ALA A 336 -9.48 21.82 -16.90
C ALA A 336 -8.00 21.43 -16.91
N SER A 337 -7.42 21.37 -15.71
CA SER A 337 -6.02 21.05 -15.56
C SER A 337 -5.64 21.07 -14.08
N PHE A 338 -4.39 20.69 -13.78
CA PHE A 338 -3.91 20.70 -12.41
C PHE A 338 -2.38 20.64 -12.40
N ASN A 339 -1.76 21.33 -11.43
CA ASN A 339 -0.32 21.39 -11.31
C ASN A 339 0.19 20.48 -10.19
N ALA A 340 1.22 19.71 -10.51
CA ALA A 340 1.76 18.77 -9.55
C ALA A 340 3.27 18.70 -9.49
N THR A 341 3.79 18.19 -8.37
CA THR A 341 5.22 18.03 -8.22
C THR A 341 5.53 16.59 -8.62
N VAL A 342 6.35 16.44 -9.65
CA VAL A 342 6.70 15.14 -10.16
C VAL A 342 8.13 14.76 -9.77
N ILE A 343 8.30 13.48 -9.43
CA ILE A 343 9.60 12.94 -9.04
C ILE A 343 9.84 11.81 -10.03
N VAL A 344 10.81 12.02 -10.93
CA VAL A 344 11.14 11.03 -11.94
C VAL A 344 12.02 9.95 -11.33
N LEU A 345 11.60 8.69 -11.47
CA LEU A 345 12.37 7.59 -10.93
C LEU A 345 13.34 7.07 -11.99
N ASN A 346 14.21 6.15 -11.60
CA ASN A 346 15.18 5.56 -12.52
C ASN A 346 14.44 4.89 -13.67
N HIS A 347 14.86 5.21 -14.89
CA HIS A 347 14.24 4.64 -16.08
C HIS A 347 14.98 5.10 -17.34
N PRO A 348 14.92 4.29 -18.41
CA PRO A 348 15.57 4.58 -19.69
C PRO A 348 14.84 5.67 -20.47
N GLY A 349 15.01 6.94 -20.10
CA GLY A 349 14.31 7.97 -20.84
C GLY A 349 14.50 9.39 -20.36
N GLN A 350 13.86 10.31 -21.07
CA GLN A 350 13.91 11.74 -20.74
C GLN A 350 12.54 12.32 -21.05
N ILE A 351 11.93 12.98 -20.07
CA ILE A 351 10.61 13.57 -20.24
C ILE A 351 10.65 15.03 -20.70
N SER A 352 9.75 15.41 -21.59
CA SER A 352 9.69 16.78 -22.07
C SER A 352 8.23 17.16 -22.33
N ALA A 353 7.97 18.45 -22.50
CA ALA A 353 6.60 18.89 -22.74
C ALA A 353 5.98 18.11 -23.89
N GLY A 354 4.69 17.79 -23.73
CA GLY A 354 3.99 17.04 -24.75
C GLY A 354 3.82 15.57 -24.40
N TYR A 355 4.68 15.09 -23.49
CA TYR A 355 4.66 13.70 -23.02
C TYR A 355 3.27 13.44 -22.44
N SER A 356 2.58 12.41 -22.93
CA SER A 356 1.23 12.14 -22.43
C SER A 356 0.97 10.71 -21.99
N PRO A 357 1.59 10.31 -20.88
CA PRO A 357 1.40 8.95 -20.34
C PRO A 357 0.08 8.78 -19.61
N VAL A 358 -0.18 7.55 -19.19
CA VAL A 358 -1.38 7.27 -18.43
C VAL A 358 -1.03 7.61 -16.98
N LEU A 359 -1.97 8.18 -16.26
CA LEU A 359 -1.76 8.51 -14.86
C LEU A 359 -2.82 7.80 -14.03
N ASP A 360 -2.40 7.07 -13.01
CA ASP A 360 -3.33 6.40 -12.14
C ASP A 360 -3.52 7.22 -10.89
N CYS A 361 -4.67 7.87 -10.80
CA CYS A 361 -5.00 8.67 -9.63
C CYS A 361 -6.22 7.96 -9.03
N HIS A 362 -6.12 7.57 -7.77
CA HIS A 362 -7.16 6.79 -7.08
C HIS A 362 -7.76 5.74 -8.05
N THR A 363 -9.08 5.77 -8.27
CA THR A 363 -9.68 4.78 -9.17
C THR A 363 -9.67 5.25 -10.63
N ALA A 364 -9.06 6.38 -10.87
CA ALA A 364 -9.00 6.91 -12.20
C ALA A 364 -7.74 6.47 -12.94
N HIS A 365 -7.97 6.18 -14.22
CA HIS A 365 -6.92 5.67 -15.12
C HIS A 365 -7.08 6.47 -16.42
N ILE A 366 -6.38 7.60 -16.52
CA ILE A 366 -6.49 8.44 -17.71
C ILE A 366 -5.12 8.96 -18.19
N ALA A 367 -4.97 9.15 -19.50
CA ALA A 367 -3.73 9.68 -20.01
C ALA A 367 -3.80 11.19 -19.90
N CYS A 368 -2.76 11.78 -19.31
CA CYS A 368 -2.69 13.22 -19.13
C CYS A 368 -1.46 13.78 -19.81
N ARG A 369 -1.57 15.02 -20.29
CA ARG A 369 -0.47 15.65 -20.99
C ARG A 369 0.45 16.51 -20.14
N PHE A 370 1.76 16.30 -20.26
CA PHE A 370 2.71 17.13 -19.54
C PHE A 370 2.73 18.45 -20.33
N ASP A 371 1.62 19.19 -20.27
CA ASP A 371 1.46 20.46 -20.99
C ASP A 371 2.62 21.44 -20.82
N GLU A 372 3.06 21.66 -19.58
CA GLU A 372 4.16 22.57 -19.34
C GLU A 372 5.08 22.16 -18.21
N LEU A 373 6.37 22.35 -18.42
CA LEU A 373 7.34 22.06 -17.39
C LEU A 373 7.59 23.40 -16.71
N LEU A 374 6.76 23.70 -15.71
CA LEU A 374 6.80 24.94 -14.94
C LEU A 374 8.15 25.28 -14.34
N GLU A 375 8.72 24.35 -13.60
CA GLU A 375 10.00 24.59 -12.97
C GLU A 375 10.66 23.35 -12.37
N LYS A 376 11.98 23.39 -12.24
CA LYS A 376 12.71 22.29 -11.63
C LYS A 376 12.91 22.78 -10.21
N ASN A 377 12.87 21.88 -9.23
CA ASN A 377 13.03 22.26 -7.84
C ASN A 377 13.93 21.29 -7.06
N ASP A 378 14.47 21.79 -5.95
CA ASP A 378 15.31 20.99 -5.07
C ASP A 378 14.30 20.13 -4.33
N ARG A 379 14.37 18.82 -4.56
CA ARG A 379 13.44 17.88 -3.95
C ARG A 379 13.12 18.09 -2.48
N ARG A 380 14.14 18.00 -1.63
CA ARG A 380 13.95 18.15 -0.18
C ARG A 380 13.47 19.49 0.36
N SER A 381 13.95 20.59 -0.21
CA SER A 381 13.55 21.91 0.29
C SER A 381 12.36 22.46 -0.47
N GLY A 382 12.26 22.16 -1.76
CA GLY A 382 11.16 22.68 -2.54
C GLY A 382 11.58 23.95 -3.25
N LYS A 383 12.76 24.45 -2.90
CA LYS A 383 13.34 25.64 -3.49
C LYS A 383 13.43 25.50 -5.01
N LYS A 384 13.14 26.58 -5.74
CA LYS A 384 13.19 26.56 -7.18
C LYS A 384 14.62 26.68 -7.69
N LEU A 385 15.01 25.82 -8.63
CA LEU A 385 16.35 25.84 -9.18
C LEU A 385 16.36 26.52 -10.55
N GLU A 386 15.26 26.39 -11.28
CA GLU A 386 15.16 27.04 -12.57
C GLU A 386 13.71 27.14 -13.03
N ASP A 387 13.50 28.02 -13.99
CA ASP A 387 12.20 28.23 -14.59
C ASP A 387 12.16 27.56 -15.95
N HIS A 388 11.01 27.01 -16.28
CA HIS A 388 10.76 26.34 -17.55
C HIS A 388 11.86 25.43 -18.08
N PRO A 389 12.29 24.45 -17.26
CA PRO A 389 13.33 23.58 -17.79
C PRO A 389 12.80 22.94 -19.07
N LYS A 390 13.72 22.49 -19.92
CA LYS A 390 13.38 21.89 -21.19
C LYS A 390 13.09 20.39 -21.12
N PHE A 391 13.53 19.74 -20.05
CA PHE A 391 13.30 18.31 -19.85
C PHE A 391 13.63 17.89 -18.43
N LEU A 392 13.25 16.65 -18.09
CA LEU A 392 13.49 16.09 -16.76
C LEU A 392 14.09 14.71 -16.94
N LYS A 393 14.92 14.28 -16.00
CA LYS A 393 15.52 12.96 -16.08
C LYS A 393 15.42 12.30 -14.71
N SER A 394 15.86 11.05 -14.60
CA SER A 394 15.81 10.31 -13.34
C SER A 394 16.37 11.13 -12.21
N GLY A 395 15.66 11.13 -11.08
CA GLY A 395 16.09 11.88 -9.92
C GLY A 395 15.57 13.30 -9.87
N ASP A 396 15.17 13.86 -11.02
CA ASP A 396 14.66 15.23 -11.03
C ASP A 396 13.32 15.43 -10.34
N ALA A 397 13.14 16.60 -9.73
CA ALA A 397 11.90 17.00 -9.07
C ALA A 397 11.45 18.32 -9.74
N ALA A 398 10.23 18.36 -10.25
CA ALA A 398 9.75 19.56 -10.93
C ALA A 398 8.25 19.79 -10.83
N LEU A 399 7.83 21.03 -11.03
CA LEU A 399 6.42 21.37 -10.98
C LEU A 399 5.95 21.29 -12.44
N VAL A 400 4.96 20.44 -12.68
CA VAL A 400 4.41 20.23 -14.00
C VAL A 400 2.93 20.53 -14.05
N LYS A 401 2.49 21.09 -15.17
CA LYS A 401 1.10 21.43 -15.38
C LYS A 401 0.52 20.33 -16.25
N PHE A 402 -0.51 19.66 -15.77
CA PHE A 402 -1.14 18.57 -16.50
C PHE A 402 -2.50 18.90 -17.10
N VAL A 403 -2.83 18.22 -18.19
CA VAL A 403 -4.12 18.39 -18.85
C VAL A 403 -4.69 17.00 -19.17
N PRO A 404 -5.75 16.60 -18.45
CA PRO A 404 -6.40 15.30 -18.64
C PRO A 404 -7.11 15.24 -19.99
N SER A 405 -6.93 14.13 -20.70
CA SER A 405 -7.55 13.90 -22.01
C SER A 405 -9.03 13.59 -21.88
N LYS A 406 -9.41 12.95 -20.78
CA LYS A 406 -10.83 12.66 -20.58
C LYS A 406 -11.28 13.35 -19.30
N PRO A 407 -12.59 13.53 -19.13
CA PRO A 407 -13.09 14.19 -17.91
C PRO A 407 -12.46 13.53 -16.69
N MET A 408 -11.89 14.33 -15.81
CA MET A 408 -11.20 13.78 -14.64
C MET A 408 -11.36 14.66 -13.40
N CYS A 409 -11.34 14.02 -12.23
CA CYS A 409 -11.46 14.73 -10.95
C CYS A 409 -10.33 14.34 -10.02
N VAL A 410 -9.62 15.35 -9.52
CA VAL A 410 -8.49 15.13 -8.63
C VAL A 410 -8.49 16.19 -7.52
N GLU A 411 -7.61 16.01 -6.53
CA GLU A 411 -7.49 16.98 -5.43
C GLU A 411 -6.05 17.37 -5.13
N ALA A 412 -5.89 18.45 -4.38
CA ALA A 412 -4.56 18.92 -3.98
C ALA A 412 -4.20 18.03 -2.81
N PHE A 413 -3.04 17.39 -2.89
CA PHE A 413 -2.63 16.50 -1.82
C PHE A 413 -2.89 17.10 -0.44
N SER A 414 -2.63 18.40 -0.31
CA SER A 414 -2.83 19.09 0.96
C SER A 414 -4.23 18.93 1.55
N GLU A 415 -5.26 18.87 0.70
CA GLU A 415 -6.65 18.73 1.17
C GLU A 415 -7.23 17.31 1.22
N TYR A 416 -6.94 16.52 0.20
CA TYR A 416 -7.46 15.14 0.09
C TYR A 416 -6.37 14.19 -0.38
N PRO A 417 -5.41 13.88 0.49
CA PRO A 417 -4.28 13.00 0.19
C PRO A 417 -4.57 11.82 -0.77
N PRO A 418 -5.65 11.06 -0.53
CA PRO A 418 -6.00 9.92 -1.37
C PRO A 418 -6.25 10.28 -2.85
N LEU A 419 -6.51 11.55 -3.11
CA LEU A 419 -6.74 11.96 -4.49
C LEU A 419 -5.76 13.02 -5.00
N GLY A 420 -4.61 13.15 -4.34
CA GLY A 420 -3.63 14.14 -4.76
C GLY A 420 -2.26 13.54 -5.07
N ARG A 421 -2.21 12.22 -5.11
CA ARG A 421 -1.00 11.47 -5.40
C ARG A 421 -1.34 10.52 -6.55
N PHE A 422 -0.48 10.47 -7.55
CA PHE A 422 -0.74 9.62 -8.71
C PHE A 422 0.52 8.94 -9.24
N ALA A 423 0.32 7.92 -10.05
CA ALA A 423 1.44 7.18 -10.62
C ALA A 423 1.48 7.37 -12.11
N VAL A 424 2.66 7.57 -12.67
CA VAL A 424 2.77 7.76 -14.10
C VAL A 424 3.22 6.47 -14.78
N ARG A 425 2.31 5.84 -15.51
CA ARG A 425 2.59 4.58 -16.19
C ARG A 425 3.23 4.71 -17.57
N ASP A 426 4.27 3.91 -17.79
CA ASP A 426 4.98 3.92 -19.06
C ASP A 426 6.17 2.94 -19.02
N MET A 427 6.59 2.48 -20.19
CA MET A 427 7.73 1.55 -20.27
C MET A 427 7.53 0.35 -19.36
N ARG A 428 6.31 -0.18 -19.34
CA ARG A 428 5.99 -1.34 -18.52
C ARG A 428 6.38 -1.13 -17.05
N GLN A 429 6.24 0.09 -16.55
CA GLN A 429 6.60 0.35 -15.16
C GLN A 429 6.12 1.72 -14.70
N THR A 430 6.50 2.08 -13.49
CA THR A 430 6.14 3.41 -12.98
C THR A 430 7.38 4.24 -13.21
N VAL A 431 7.27 5.23 -14.09
CA VAL A 431 8.39 6.10 -14.41
C VAL A 431 8.38 7.34 -13.52
N ALA A 432 7.23 7.61 -12.91
CA ALA A 432 7.13 8.77 -12.05
C ALA A 432 5.96 8.78 -11.06
N VAL A 433 6.13 9.56 -10.00
CA VAL A 433 5.13 9.74 -8.95
C VAL A 433 4.91 11.22 -8.75
N GLY A 434 3.66 11.64 -8.67
CA GLY A 434 3.41 13.05 -8.51
C GLY A 434 2.53 13.39 -7.33
N VAL A 435 2.60 14.65 -6.92
CA VAL A 435 1.78 15.12 -5.81
C VAL A 435 1.10 16.41 -6.32
N ILE A 436 -0.23 16.42 -6.27
CA ILE A 436 -1.00 17.57 -6.73
C ILE A 436 -0.83 18.77 -5.84
N LYS A 437 -0.48 19.91 -6.43
CA LYS A 437 -0.29 21.15 -5.68
C LYS A 437 -1.37 22.20 -5.91
N SER A 438 -1.97 22.18 -7.09
CA SER A 438 -3.04 23.12 -7.43
C SER A 438 -3.94 22.52 -8.51
N VAL A 439 -5.23 22.82 -8.43
CA VAL A 439 -6.20 22.32 -9.38
C VAL A 439 -7.09 23.43 -9.91
N ASP A 440 -7.33 23.42 -11.22
CA ASP A 440 -8.17 24.44 -11.84
C ASP A 440 -9.57 23.87 -12.03
N LYS A 441 -10.40 24.00 -11.00
CA LYS A 441 -11.77 23.49 -11.02
C LYS A 441 -12.75 24.48 -11.63
N PRO B 5 16.57 -20.09 -5.39
CA PRO B 5 15.13 -19.79 -5.47
C PRO B 5 14.87 -18.38 -6.00
N ALA B 6 13.83 -18.22 -6.80
CA ALA B 6 13.48 -16.92 -7.38
C ALA B 6 12.60 -16.10 -6.43
N ALA B 7 12.65 -14.78 -6.58
CA ALA B 7 11.86 -13.91 -5.71
C ALA B 7 10.37 -13.98 -6.05
N LYS B 8 9.52 -14.19 -5.05
CA LYS B 8 8.08 -14.28 -5.30
C LYS B 8 7.27 -13.27 -4.49
N SER B 9 5.99 -13.18 -4.80
CA SER B 9 5.07 -12.28 -4.10
C SER B 9 3.71 -12.94 -4.09
N ILE B 10 3.05 -12.95 -2.92
CA ILE B 10 1.71 -13.52 -2.86
C ILE B 10 0.74 -12.35 -3.03
N VAL B 11 -0.25 -12.53 -3.91
CA VAL B 11 -1.24 -11.51 -4.24
C VAL B 11 -2.67 -12.02 -4.14
N THR B 12 -3.55 -11.15 -3.69
CA THR B 12 -4.96 -11.46 -3.55
C THR B 12 -5.69 -10.47 -4.45
N LEU B 13 -6.46 -10.98 -5.39
CA LEU B 13 -7.20 -10.14 -6.32
C LEU B 13 -8.69 -10.08 -6.04
N ASP B 14 -9.30 -8.94 -6.32
CA ASP B 14 -10.74 -8.76 -6.17
C ASP B 14 -11.28 -8.70 -7.60
N VAL B 15 -12.10 -9.69 -7.94
CA VAL B 15 -12.71 -9.79 -9.25
C VAL B 15 -14.20 -9.51 -9.09
N LYS B 16 -14.68 -8.41 -9.67
CA LYS B 16 -16.07 -8.05 -9.52
C LYS B 16 -16.98 -8.46 -10.69
N PRO B 17 -18.21 -8.89 -10.39
CA PRO B 17 -19.15 -9.30 -11.43
C PRO B 17 -19.94 -8.13 -12.00
N TRP B 18 -20.92 -8.42 -12.84
CA TRP B 18 -21.78 -7.40 -13.43
C TRP B 18 -23.04 -7.16 -12.62
N ASP B 19 -23.49 -8.19 -11.90
CA ASP B 19 -24.68 -8.06 -11.06
C ASP B 19 -24.84 -9.28 -10.17
N ASP B 20 -25.97 -9.34 -9.46
CA ASP B 20 -26.29 -10.43 -8.56
C ASP B 20 -26.78 -11.71 -9.26
N GLU B 21 -26.62 -11.77 -10.57
CA GLU B 21 -27.04 -12.93 -11.35
C GLU B 21 -25.87 -13.65 -12.01
N THR B 22 -24.74 -12.95 -12.13
CA THR B 22 -23.53 -13.49 -12.75
C THR B 22 -23.09 -14.82 -12.10
N ASN B 23 -22.95 -15.86 -12.92
CA ASN B 23 -22.54 -17.18 -12.44
C ASN B 23 -21.15 -17.05 -11.80
N LEU B 24 -21.08 -17.05 -10.46
CA LEU B 24 -19.80 -16.93 -9.76
C LEU B 24 -18.85 -18.11 -9.92
N GLU B 25 -19.40 -19.32 -10.03
CA GLU B 25 -18.57 -20.50 -10.19
C GLU B 25 -17.90 -20.45 -11.56
N GLU B 26 -18.58 -19.86 -12.53
CA GLU B 26 -18.03 -19.76 -13.85
C GLU B 26 -16.85 -18.77 -13.89
N MET B 27 -17.00 -17.66 -13.16
CA MET B 27 -15.95 -16.65 -13.11
C MET B 27 -14.62 -17.21 -12.56
N VAL B 28 -14.66 -17.83 -11.38
CA VAL B 28 -13.43 -18.37 -10.81
C VAL B 28 -12.81 -19.46 -11.71
N ALA B 29 -13.65 -20.28 -12.34
CA ALA B 29 -13.17 -21.34 -13.24
C ALA B 29 -12.39 -20.74 -14.39
N ASN B 30 -12.92 -19.67 -14.97
CA ASN B 30 -12.24 -19.02 -16.07
C ASN B 30 -10.95 -18.38 -15.63
N VAL B 31 -10.96 -17.88 -14.40
CA VAL B 31 -9.79 -17.25 -13.84
C VAL B 31 -8.72 -18.30 -13.61
N LYS B 32 -9.11 -19.41 -12.98
CA LYS B 32 -8.15 -20.47 -12.70
C LYS B 32 -7.65 -21.15 -13.97
N ALA B 33 -8.42 -21.04 -15.04
CA ALA B 33 -8.04 -21.63 -16.32
C ALA B 33 -6.86 -20.88 -16.95
N ILE B 34 -6.55 -19.71 -16.40
CA ILE B 34 -5.44 -18.90 -16.91
C ILE B 34 -4.08 -19.47 -16.48
N GLU B 35 -3.29 -19.97 -17.45
CA GLU B 35 -2.00 -20.57 -17.14
C GLU B 35 -0.80 -19.71 -17.51
N MET B 36 0.02 -19.41 -16.51
CA MET B 36 1.22 -18.62 -16.71
C MET B 36 2.38 -19.21 -15.93
N GLU B 37 3.54 -19.29 -16.59
CA GLU B 37 4.74 -19.79 -15.97
C GLU B 37 5.11 -18.89 -14.81
N GLY B 38 5.22 -19.44 -13.62
CA GLY B 38 5.59 -18.63 -12.47
C GLY B 38 4.39 -18.15 -11.68
N LEU B 39 3.21 -18.62 -12.08
CA LEU B 39 1.93 -18.28 -11.44
C LEU B 39 1.30 -19.49 -10.77
N THR B 40 0.87 -19.32 -9.53
CA THR B 40 0.22 -20.42 -8.83
C THR B 40 -1.05 -19.94 -8.13
N TRP B 41 -2.22 -20.37 -8.59
CA TRP B 41 -3.50 -19.99 -7.97
C TRP B 41 -3.60 -20.70 -6.62
N GLY B 42 -4.24 -20.03 -5.65
CA GLY B 42 -4.42 -20.61 -4.33
C GLY B 42 -5.87 -20.59 -3.88
N ALA B 43 -6.10 -20.37 -2.60
CA ALA B 43 -7.46 -20.33 -2.03
C ALA B 43 -8.30 -19.21 -2.65
N HIS B 44 -9.61 -19.27 -2.47
CA HIS B 44 -10.51 -18.25 -3.02
C HIS B 44 -11.87 -18.38 -2.36
N GLN B 45 -12.54 -17.25 -2.18
CA GLN B 45 -13.84 -17.24 -1.56
C GLN B 45 -14.73 -16.24 -2.29
N PHE B 46 -16.02 -16.31 -2.01
CA PHE B 46 -16.99 -15.41 -2.57
C PHE B 46 -17.41 -14.57 -1.38
N ILE B 47 -17.07 -13.30 -1.40
CA ILE B 47 -17.37 -12.41 -0.29
C ILE B 47 -18.47 -11.40 -0.62
N PRO B 48 -19.51 -11.35 0.23
CA PRO B 48 -20.61 -10.41 -0.01
C PRO B 48 -20.07 -8.99 0.12
N ILE B 49 -20.58 -8.09 -0.70
CA ILE B 49 -20.13 -6.71 -0.67
C ILE B 49 -21.31 -5.75 -0.52
N GLY B 50 -22.52 -6.30 -0.53
CA GLY B 50 -23.73 -5.50 -0.39
C GLY B 50 -24.78 -5.77 -1.45
N PHE B 51 -26.05 -5.70 -1.05
CA PHE B 51 -27.17 -5.89 -1.97
C PHE B 51 -27.16 -7.24 -2.69
N GLY B 52 -26.73 -8.26 -1.96
CA GLY B 52 -26.70 -9.61 -2.52
C GLY B 52 -25.60 -9.81 -3.54
N ILE B 53 -24.77 -8.79 -3.71
CA ILE B 53 -23.67 -8.87 -4.66
C ILE B 53 -22.43 -9.47 -4.02
N LYS B 54 -21.86 -10.50 -4.64
CA LYS B 54 -20.67 -11.14 -4.11
C LYS B 54 -19.50 -11.02 -5.08
N LYS B 55 -18.32 -10.75 -4.57
CA LYS B 55 -17.14 -10.61 -5.42
C LYS B 55 -16.22 -11.81 -5.27
N LEU B 56 -15.31 -11.97 -6.22
CA LEU B 56 -14.37 -13.08 -6.17
C LEU B 56 -13.06 -12.61 -5.51
N GLN B 57 -12.63 -13.35 -4.50
CA GLN B 57 -11.41 -12.98 -3.82
C GLN B 57 -10.52 -14.23 -3.88
N ILE B 58 -9.53 -14.20 -4.74
CA ILE B 58 -8.65 -15.34 -4.91
C ILE B 58 -7.17 -14.98 -4.67
N ASN B 59 -6.42 -15.95 -4.18
CA ASN B 59 -5.02 -15.70 -3.94
C ASN B 59 -4.22 -16.38 -5.02
N CYS B 60 -2.96 -15.98 -5.13
CA CYS B 60 -2.04 -16.56 -6.08
C CYS B 60 -0.64 -16.15 -5.72
N VAL B 61 0.34 -16.97 -6.08
CA VAL B 61 1.73 -16.63 -5.81
C VAL B 61 2.37 -16.46 -7.17
N VAL B 62 3.17 -15.41 -7.32
CA VAL B 62 3.82 -15.15 -8.60
C VAL B 62 5.32 -14.88 -8.50
N GLU B 63 6.02 -15.20 -9.57
CA GLU B 63 7.46 -14.96 -9.63
C GLU B 63 7.66 -13.60 -10.27
N ASP B 64 8.13 -12.66 -9.46
CA ASP B 64 8.35 -11.29 -9.90
C ASP B 64 8.82 -11.11 -11.33
N ASP B 65 9.97 -11.71 -11.65
CA ASP B 65 10.57 -11.58 -12.98
C ASP B 65 9.89 -12.35 -14.09
N LYS B 66 8.72 -12.93 -13.80
CA LYS B 66 8.06 -13.70 -14.84
C LYS B 66 6.61 -13.33 -15.06
N VAL B 67 5.85 -13.15 -13.99
CA VAL B 67 4.45 -12.81 -14.14
C VAL B 67 4.18 -11.33 -13.94
N SER B 68 3.42 -10.76 -14.85
CA SER B 68 3.07 -9.36 -14.78
C SER B 68 1.66 -9.22 -14.23
N LEU B 69 1.51 -8.56 -13.09
CA LEU B 69 0.21 -8.38 -12.47
C LEU B 69 -0.73 -7.57 -13.36
N ASP B 70 -0.16 -6.61 -14.06
CA ASP B 70 -0.95 -5.79 -14.97
C ASP B 70 -1.54 -6.66 -16.07
N ASP B 71 -0.70 -7.42 -16.75
CA ASP B 71 -1.18 -8.27 -17.82
C ASP B 71 -2.17 -9.30 -17.34
N LEU B 72 -1.96 -9.76 -16.12
CA LEU B 72 -2.83 -10.75 -15.53
C LEU B 72 -4.20 -10.14 -15.33
N GLN B 73 -4.25 -8.94 -14.76
CA GLN B 73 -5.53 -8.29 -14.55
C GLN B 73 -6.25 -8.05 -15.87
N GLN B 74 -5.48 -7.82 -16.93
CA GLN B 74 -6.08 -7.59 -18.23
C GLN B 74 -6.64 -8.93 -18.76
N SER B 75 -5.91 -10.02 -18.56
CA SER B 75 -6.37 -11.31 -19.03
C SER B 75 -7.65 -11.74 -18.34
N ILE B 76 -7.71 -11.59 -17.03
CA ILE B 76 -8.90 -11.98 -16.33
C ILE B 76 -10.09 -11.25 -16.89
N GLU B 77 -9.94 -9.92 -16.98
CA GLU B 77 -10.96 -9.01 -17.44
C GLU B 77 -11.48 -9.24 -18.85
N GLU B 78 -10.83 -10.13 -19.61
CA GLU B 78 -11.28 -10.41 -20.96
C GLU B 78 -12.59 -11.19 -20.91
N ASP B 79 -12.93 -11.71 -19.74
CA ASP B 79 -14.17 -12.44 -19.54
C ASP B 79 -15.32 -11.43 -19.41
N GLU B 80 -15.58 -10.67 -20.47
CA GLU B 80 -16.66 -9.68 -20.47
C GLU B 80 -18.00 -10.14 -19.90
N ASP B 81 -18.37 -11.38 -20.20
CA ASP B 81 -19.64 -11.89 -19.74
C ASP B 81 -19.75 -12.04 -18.25
N HIS B 82 -18.63 -12.13 -17.54
CA HIS B 82 -18.68 -12.30 -16.09
C HIS B 82 -17.95 -11.24 -15.29
N VAL B 83 -16.74 -10.88 -15.73
CA VAL B 83 -15.92 -9.93 -15.02
C VAL B 83 -16.16 -8.46 -15.38
N GLN B 84 -16.40 -7.63 -14.36
CA GLN B 84 -16.60 -6.20 -14.59
C GLN B 84 -15.29 -5.42 -14.46
N SER B 85 -14.46 -5.84 -13.51
CA SER B 85 -13.15 -5.22 -13.25
C SER B 85 -12.36 -6.05 -12.25
N THR B 86 -11.12 -5.64 -12.02
CA THR B 86 -10.28 -6.31 -11.04
C THR B 86 -9.51 -5.30 -10.19
N ASP B 87 -9.18 -5.69 -8.97
CA ASP B 87 -8.42 -4.83 -8.08
C ASP B 87 -7.54 -5.71 -7.20
N ILE B 88 -6.43 -5.13 -6.74
CA ILE B 88 -5.48 -5.80 -5.88
C ILE B 88 -6.04 -5.59 -4.47
N ALA B 89 -6.38 -6.68 -3.79
CA ALA B 89 -6.93 -6.58 -2.44
C ALA B 89 -5.77 -6.32 -1.50
N ALA B 90 -4.63 -6.91 -1.83
CA ALA B 90 -3.43 -6.73 -1.04
C ALA B 90 -2.30 -7.59 -1.59
N MET B 91 -1.08 -7.33 -1.11
CA MET B 91 0.05 -8.09 -1.55
C MET B 91 1.23 -8.00 -0.60
N GLN B 92 2.01 -9.07 -0.56
CA GLN B 92 3.16 -9.19 0.31
C GLN B 92 4.32 -9.88 -0.42
N ALA B 93 5.44 -9.95 0.27
CA ALA B 93 6.64 -10.60 -0.24
C ALA B 93 6.61 -12.04 0.23
N LEU B 94 7.56 -12.84 -0.25
CA LEU B 94 7.68 -14.22 0.16
C LEU B 94 9.14 -14.56 0.42
PB GDP C . 14.19 -10.72 2.87
O1B GDP C . 14.00 -11.52 1.59
O2B GDP C . 14.90 -9.44 2.58
O3B GDP C . 12.89 -10.51 3.56
O3A GDP C . 15.12 -11.63 3.80
PA GDP C . 14.84 -13.07 4.51
O1A GDP C . 13.73 -12.89 5.50
O2A GDP C . 14.61 -14.09 3.44
O5' GDP C . 16.20 -13.33 5.27
C5' GDP C . 17.44 -13.48 4.56
C4' GDP C . 18.36 -14.54 5.18
O4' GDP C . 18.89 -14.08 6.44
C3' GDP C . 17.67 -15.89 5.48
O3' GDP C . 18.51 -16.95 5.04
C2' GDP C . 17.47 -15.87 6.99
O2' GDP C . 17.44 -17.16 7.61
C1' GDP C . 18.63 -15.01 7.49
N9 GDP C . 18.30 -14.26 8.72
C8 GDP C . 17.10 -13.64 9.08
N7 GDP C . 17.15 -13.03 10.26
C5 GDP C . 18.45 -13.27 10.71
C6 GDP C . 19.12 -12.87 11.91
O6 GDP C . 18.65 -12.21 12.84
N1 GDP C . 20.46 -13.30 12.01
C2 GDP C . 21.13 -14.04 11.02
N2 GDP C . 22.39 -14.37 11.26
N3 GDP C . 20.50 -14.43 9.88
C4 GDP C . 19.17 -14.00 9.77
#